data_5UIH
#
_entry.id   5UIH
#
_cell.length_a   38.605
_cell.length_b   58.872
_cell.length_c   40.145
_cell.angle_alpha   90.00
_cell.angle_beta   107.45
_cell.angle_gamma   90.00
#
_symmetry.space_group_name_H-M   'P 1 21 1'
#
loop_
_entity.id
_entity.type
_entity.pdbx_description
1 polymer 'Dihydrofolate reductase'
2 non-polymer 'N-(2-phenylethyl)imidodicarbonimidic diamide'
3 non-polymer 'SODIUM ION'
4 non-polymer 'NADP NICOTINAMIDE-ADENINE-DINUCLEOTIDE PHOSPHATE'
5 non-polymer BETA-MERCAPTOETHANOL
6 non-polymer 1,2-ETHANEDIOL
7 water water
#
_entity_poly.entity_id   1
_entity_poly.type   'polypeptide(L)'
_entity_poly.pdbx_seq_one_letter_code
;MISLIAALAVDRVIGMENAMPWNLPADLAWFKRNTLNKPVIMGRHTWESIGRPLPGRKNIILSSQPGTDDRVTWVKSVDE
AIAACGDVPEIMVIGGGRVYEQFLPKAQKLYLTHIDAEVEGDTHFPDYEPDDWESVFSEFHDADAQNSHSYCFEILERRG
GGGHHHHHH
;
_entity_poly.pdbx_strand_id   A
#
loop_
_chem_comp.id
_chem_comp.type
_chem_comp.name
_chem_comp.formula
8CV non-polymer 'N-(2-phenylethyl)imidodicarbonimidic diamide' 'C10 H15 N5'
BME non-polymer BETA-MERCAPTOETHANOL 'C2 H6 O S'
EDO non-polymer 1,2-ETHANEDIOL 'C2 H6 O2'
NA non-polymer 'SODIUM ION' 'Na 1'
NAP non-polymer 'NADP NICOTINAMIDE-ADENINE-DINUCLEOTIDE PHOSPHATE' 'C21 H28 N7 O17 P3'
#
# COMPACT_ATOMS: atom_id res chain seq x y z
N MET A 1 1.65 2.85 -15.26
CA MET A 1 2.70 3.00 -14.20
C MET A 1 2.35 2.19 -12.97
N ILE A 2 3.37 1.82 -12.22
CA ILE A 2 3.20 1.11 -10.97
C ILE A 2 3.39 2.09 -9.83
N SER A 3 2.48 2.06 -8.87
CA SER A 3 2.58 2.89 -7.68
C SER A 3 2.56 2.00 -6.45
N LEU A 4 3.29 2.43 -5.41
CA LEU A 4 3.15 1.82 -4.09
C LEU A 4 2.35 2.76 -3.20
N ILE A 5 1.43 2.20 -2.40
CA ILE A 5 0.74 2.98 -1.37
C ILE A 5 0.90 2.28 -0.03
N ALA A 6 1.33 3.02 0.98
CA ALA A 6 1.71 2.43 2.26
C ALA A 6 1.53 3.45 3.39
N ALA A 7 1.28 2.92 4.59
CA ALA A 7 1.15 3.68 5.83
C ALA A 7 2.26 3.23 6.78
N LEU A 8 3.12 4.17 7.17
CA LEU A 8 4.35 3.90 7.91
C LEU A 8 4.24 4.54 9.28
N ALA A 9 4.33 3.73 10.31
CA ALA A 9 4.47 4.26 11.66
C ALA A 9 5.94 4.54 11.91
N VAL A 10 6.30 4.76 13.17
CA VAL A 10 7.70 5.01 13.50
C VAL A 10 8.56 3.85 13.01
N ASP A 11 9.75 4.18 12.52
CA ASP A 11 10.76 3.22 12.08
C ASP A 11 10.28 2.44 10.87
N ARG A 12 9.33 3.01 10.12
CA ARG A 12 8.83 2.42 8.88
C ARG A 12 8.04 1.15 9.09
N VAL A 13 7.61 0.89 10.33
CA VAL A 13 6.76 -0.28 10.59
C VAL A 13 5.44 -0.13 9.84
N ILE A 14 4.98 -1.25 9.27
CA ILE A 14 3.73 -1.31 8.51
C ILE A 14 2.82 -2.40 9.06
N GLY A 15 1.54 -2.31 8.69
CA GLY A 15 0.55 -3.34 9.02
C GLY A 15 -0.82 -2.94 8.50
N MET A 16 -1.69 -3.95 8.34
CA MET A 16 -3.04 -3.70 7.83
C MET A 16 -4.11 -4.41 8.66
N GLU A 17 -3.82 -4.76 9.91
CA GLU A 17 -4.84 -5.23 10.83
C GLU A 17 -5.82 -4.09 11.17
N ASN A 18 -7.07 -4.47 11.45
CA ASN A 18 -8.11 -3.48 11.79
C ASN A 18 -7.97 -3.10 13.27
N ALA A 19 -6.90 -2.37 13.57
CA ALA A 19 -6.64 -1.91 14.92
C ALA A 19 -5.65 -0.76 14.84
N MET A 20 -5.56 -0.01 15.94
CA MET A 20 -4.61 1.09 16.00
C MET A 20 -3.19 0.58 15.89
N PRO A 21 -2.31 1.33 15.22
CA PRO A 21 -2.53 2.64 14.61
C PRO A 21 -2.93 2.61 13.14
N TRP A 22 -3.41 1.46 12.66
CA TRP A 22 -3.59 1.24 11.23
C TRP A 22 -4.98 1.59 10.74
N ASN A 23 -5.87 2.06 11.62
CA ASN A 23 -7.26 2.27 11.27
C ASN A 23 -7.67 3.73 11.41
N LEU A 24 -6.71 4.64 11.25
CA LEU A 24 -7.04 6.06 11.28
C LEU A 24 -8.02 6.37 10.17
N PRO A 25 -9.21 6.90 10.47
CA PRO A 25 -10.18 7.16 9.39
C PRO A 25 -9.61 7.99 8.25
N ALA A 26 -8.78 8.98 8.56
CA ALA A 26 -8.25 9.82 7.50
C ALA A 26 -7.39 9.00 6.53
N ASP A 27 -6.64 8.03 7.04
CA ASP A 27 -5.80 7.22 6.16
C ASP A 27 -6.63 6.24 5.34
N LEU A 28 -7.69 5.68 5.94
CA LEU A 28 -8.59 4.83 5.18
C LEU A 28 -9.21 5.60 4.04
N ALA A 29 -9.60 6.86 4.29
CA ALA A 29 -10.18 7.67 3.22
C ALA A 29 -9.14 7.96 2.13
N TRP A 30 -7.90 8.28 2.53
CA TRP A 30 -6.83 8.50 1.57
C TRP A 30 -6.55 7.25 0.75
N PHE A 31 -6.52 6.10 1.40
CA PHE A 31 -6.27 4.85 0.68
C PHE A 31 -7.38 4.60 -0.35
N LYS A 32 -8.64 4.77 0.06
CA LYS A 32 -9.75 4.57 -0.86
C LYS A 32 -9.66 5.50 -2.05
N ARG A 33 -9.42 6.79 -1.80
CA ARG A 33 -9.45 7.73 -2.92
C ARG A 33 -8.32 7.47 -3.90
N ASN A 34 -7.18 6.99 -3.44
CA ASN A 34 -6.07 6.77 -4.34
C ASN A 34 -6.04 5.37 -4.95
N THR A 35 -6.95 4.48 -4.56
CA THR A 35 -6.99 3.14 -5.14
C THR A 35 -8.29 2.79 -5.83
N LEU A 36 -9.36 3.55 -5.65
CA LEU A 36 -10.65 3.12 -6.18
C LEU A 36 -10.58 2.93 -7.70
N ASN A 37 -11.13 1.80 -8.16
CA ASN A 37 -11.22 1.46 -9.58
C ASN A 37 -9.85 1.34 -10.24
N LYS A 38 -8.86 0.91 -9.46
CA LYS A 38 -7.56 0.51 -9.95
C LYS A 38 -7.25 -0.89 -9.46
N PRO A 39 -6.48 -1.66 -10.23
CA PRO A 39 -6.05 -2.97 -9.72
C PRO A 39 -5.15 -2.77 -8.51
N VAL A 40 -5.29 -3.65 -7.53
CA VAL A 40 -4.46 -3.67 -6.34
C VAL A 40 -3.73 -5.01 -6.28
N ILE A 41 -2.41 -4.94 -6.16
CA ILE A 41 -1.55 -6.11 -5.97
C ILE A 41 -1.17 -6.21 -4.50
N MET A 42 -1.34 -7.41 -3.92
CA MET A 42 -0.94 -7.62 -2.53
C MET A 42 -0.34 -9.00 -2.35
N GLY A 43 0.46 -9.14 -1.30
CA GLY A 43 0.95 -10.44 -0.90
C GLY A 43 -0.07 -11.25 -0.14
N ARG A 44 0.19 -12.56 -0.06
CA ARG A 44 -0.77 -13.48 0.54
C ARG A 44 -1.05 -13.12 2.00
N HIS A 45 -0.05 -12.65 2.75
CA HIS A 45 -0.30 -12.36 4.14
C HIS A 45 -1.14 -11.09 4.28
N THR A 46 -0.94 -10.11 3.39
CA THR A 46 -1.80 -8.93 3.37
C THR A 46 -3.23 -9.32 3.00
N TRP A 47 -3.38 -10.21 2.01
CA TRP A 47 -4.70 -10.76 1.71
C TRP A 47 -5.35 -11.35 2.95
N GLU A 48 -4.61 -12.17 3.70
CA GLU A 48 -5.15 -12.75 4.92
C GLU A 48 -5.49 -11.67 5.95
N SER A 49 -4.68 -10.60 6.03
CA SER A 49 -4.93 -9.53 7.01
C SER A 49 -6.20 -8.76 6.69
N ILE A 50 -6.42 -8.45 5.40
CA ILE A 50 -7.60 -7.69 5.00
C ILE A 50 -8.86 -8.52 5.21
N GLY A 51 -8.79 -9.83 4.95
CA GLY A 51 -9.88 -10.71 5.26
C GLY A 51 -11.00 -10.76 4.25
N ARG A 52 -10.98 -9.93 3.21
CA ARG A 52 -12.01 -9.98 2.17
C ARG A 52 -11.53 -9.17 0.97
N PRO A 53 -12.13 -9.36 -0.20
CA PRO A 53 -11.76 -8.54 -1.37
C PRO A 53 -12.08 -7.07 -1.17
N LEU A 54 -11.21 -6.22 -1.69
CA LEU A 54 -11.48 -4.78 -1.68
C LEU A 54 -12.45 -4.46 -2.81
N PRO A 55 -13.62 -3.90 -2.51
CA PRO A 55 -14.62 -3.67 -3.57
C PRO A 55 -14.19 -2.61 -4.56
N GLY A 56 -14.68 -2.74 -5.79
CA GLY A 56 -14.40 -1.73 -6.80
C GLY A 56 -12.97 -1.67 -7.27
N ARG A 57 -12.22 -2.76 -7.10
CA ARG A 57 -10.83 -2.87 -7.54
C ARG A 57 -10.62 -4.31 -7.97
N LYS A 58 -9.87 -4.51 -9.04
CA LYS A 58 -9.40 -5.85 -9.36
C LYS A 58 -8.34 -6.25 -8.33
N ASN A 59 -8.60 -7.30 -7.55
CA ASN A 59 -7.69 -7.77 -6.50
C ASN A 59 -6.80 -8.88 -7.03
N ILE A 60 -5.49 -8.69 -6.92
CA ILE A 60 -4.47 -9.59 -7.45
C ILE A 60 -3.60 -10.00 -6.27
N ILE A 61 -3.55 -11.30 -5.99
CA ILE A 61 -2.84 -11.82 -4.83
C ILE A 61 -1.61 -12.58 -5.30
N LEU A 62 -0.46 -12.25 -4.73
CA LEU A 62 0.77 -13.00 -4.95
C LEU A 62 0.87 -14.16 -3.96
N SER A 63 1.06 -15.37 -4.48
CA SER A 63 1.34 -16.55 -3.65
C SER A 63 2.11 -17.56 -4.49
N SER A 64 3.05 -18.26 -3.85
CA SER A 64 3.73 -19.36 -4.51
C SER A 64 2.82 -20.59 -4.63
N GLN A 65 1.72 -20.62 -3.89
CA GLN A 65 0.82 -21.76 -3.83
C GLN A 65 -0.50 -21.45 -4.52
N PRO A 66 -1.24 -22.47 -4.97
CA PRO A 66 -2.52 -22.22 -5.62
C PRO A 66 -3.44 -21.39 -4.74
N GLY A 67 -4.33 -20.66 -5.39
CA GLY A 67 -5.22 -19.78 -4.69
C GLY A 67 -6.30 -20.51 -3.93
N THR A 68 -6.87 -19.80 -2.97
CA THR A 68 -7.84 -20.36 -2.03
C THR A 68 -9.10 -19.50 -1.97
N ASP A 69 -9.31 -18.64 -2.94
CA ASP A 69 -10.50 -17.80 -2.98
C ASP A 69 -10.67 -17.34 -4.41
N ASP A 70 -11.67 -17.89 -5.12
CA ASP A 70 -11.86 -17.59 -6.53
C ASP A 70 -12.44 -16.21 -6.80
N ARG A 71 -12.82 -15.46 -5.75
CA ARG A 71 -13.28 -14.07 -5.91
C ARG A 71 -12.18 -13.14 -6.38
N VAL A 72 -10.91 -13.52 -6.15
CA VAL A 72 -9.77 -12.69 -6.51
C VAL A 72 -8.85 -13.50 -7.45
N THR A 73 -7.81 -12.83 -7.95
CA THR A 73 -6.93 -13.34 -9.00
C THR A 73 -5.57 -13.63 -8.37
N TRP A 74 -5.11 -14.87 -8.52
CA TRP A 74 -3.87 -15.34 -7.90
C TRP A 74 -2.78 -15.52 -8.93
N VAL A 75 -1.58 -15.09 -8.59
CA VAL A 75 -0.44 -15.11 -9.50
C VAL A 75 0.79 -15.57 -8.72
N LYS A 76 1.76 -16.16 -9.42
CA LYS A 76 2.91 -16.79 -8.78
C LYS A 76 4.22 -16.04 -8.99
N SER A 77 4.16 -14.83 -9.57
CA SER A 77 5.38 -14.06 -9.81
C SER A 77 5.01 -12.60 -9.97
N VAL A 78 6.04 -11.77 -9.85
CA VAL A 78 5.87 -10.34 -10.06
C VAL A 78 5.39 -10.07 -11.47
N ASP A 79 6.04 -10.68 -12.45
CA ASP A 79 5.68 -10.43 -13.83
C ASP A 79 4.26 -10.87 -14.11
N GLU A 80 3.84 -12.00 -13.54
CA GLU A 80 2.46 -12.46 -13.68
C GLU A 80 1.48 -11.48 -13.04
N ALA A 81 1.85 -10.94 -11.87
CA ALA A 81 1.00 -9.97 -11.19
C ALA A 81 0.77 -8.76 -12.07
N ILE A 82 1.85 -8.25 -12.67
CA ILE A 82 1.73 -7.09 -13.54
C ILE A 82 0.88 -7.41 -14.76
N ALA A 83 1.07 -8.61 -15.32
CA ALA A 83 0.32 -8.97 -16.52
C ALA A 83 -1.15 -9.07 -16.23
N ALA A 84 -1.49 -9.54 -15.04
CA ALA A 84 -2.87 -9.71 -14.63
C ALA A 84 -3.60 -8.37 -14.54
N CYS A 85 -2.86 -7.27 -14.44
CA CYS A 85 -3.47 -5.95 -14.36
C CYS A 85 -3.90 -5.43 -15.73
N GLY A 86 -3.34 -5.98 -16.79
CA GLY A 86 -3.67 -5.53 -18.11
C GLY A 86 -3.12 -4.13 -18.41
N ASP A 87 -3.76 -3.49 -19.37
N ASP A 87 -3.74 -3.49 -19.39
CA ASP A 87 -3.33 -2.19 -19.86
CA ASP A 87 -3.32 -2.19 -19.87
C ASP A 87 -4.17 -1.14 -19.16
C ASP A 87 -4.17 -1.15 -19.15
N VAL A 88 -3.69 -0.70 -17.99
CA VAL A 88 -4.42 0.27 -17.19
C VAL A 88 -3.49 1.45 -16.90
N PRO A 89 -4.06 2.60 -16.52
CA PRO A 89 -3.21 3.76 -16.25
C PRO A 89 -2.34 3.63 -15.03
N GLU A 90 -2.80 2.95 -13.99
CA GLU A 90 -2.06 2.92 -12.73
C GLU A 90 -2.38 1.63 -11.98
N ILE A 91 -1.32 0.92 -11.60
CA ILE A 91 -1.37 -0.28 -10.78
C ILE A 91 -0.98 0.09 -9.37
N MET A 92 -1.79 -0.29 -8.38
CA MET A 92 -1.50 0.07 -6.99
C MET A 92 -1.03 -1.15 -6.21
N VAL A 93 0.19 -1.08 -5.70
CA VAL A 93 0.75 -2.13 -4.86
C VAL A 93 0.50 -1.77 -3.39
N ILE A 94 -0.26 -2.62 -2.67
CA ILE A 94 -0.78 -2.24 -1.35
C ILE A 94 -0.13 -3.02 -0.22
N GLY A 95 0.93 -3.78 -0.50
CA GLY A 95 1.68 -4.45 0.54
C GLY A 95 1.81 -5.93 0.32
N GLY A 96 2.49 -6.63 1.22
CA GLY A 96 3.16 -6.05 2.38
C GLY A 96 4.63 -5.80 2.15
N GLY A 97 5.42 -6.01 3.21
CA GLY A 97 6.83 -5.68 3.13
C GLY A 97 7.55 -6.39 2.00
N ARG A 98 7.38 -7.71 1.90
CA ARG A 98 8.06 -8.49 0.86
C ARG A 98 7.66 -8.01 -0.51
N VAL A 99 6.39 -7.67 -0.67
CA VAL A 99 5.92 -7.25 -1.98
C VAL A 99 6.42 -5.84 -2.29
N TYR A 100 6.34 -4.93 -1.33
CA TYR A 100 6.91 -3.60 -1.52
C TYR A 100 8.39 -3.66 -1.92
N GLU A 101 9.18 -4.53 -1.26
CA GLU A 101 10.60 -4.64 -1.60
C GLU A 101 10.81 -4.95 -3.07
N GLN A 102 10.01 -5.85 -3.64
CA GLN A 102 10.18 -6.24 -5.04
C GLN A 102 9.67 -5.19 -6.02
N PHE A 103 8.61 -4.47 -5.67
CA PHE A 103 8.03 -3.53 -6.61
C PHE A 103 8.60 -2.12 -6.51
N LEU A 104 9.27 -1.77 -5.42
CA LEU A 104 9.84 -0.42 -5.29
C LEU A 104 10.72 -0.07 -6.47
N PRO A 105 11.62 -0.94 -6.95
CA PRO A 105 12.44 -0.56 -8.12
C PRO A 105 11.64 -0.42 -9.39
N LYS A 106 10.39 -0.88 -9.41
CA LYS A 106 9.55 -0.78 -10.59
C LYS A 106 8.51 0.33 -10.47
N ALA A 107 8.51 1.05 -9.39
CA ALA A 107 7.47 2.04 -9.11
C ALA A 107 7.85 3.41 -9.64
N GLN A 108 6.84 4.11 -10.17
CA GLN A 108 6.98 5.49 -10.58
C GLN A 108 6.50 6.45 -9.52
N LYS A 109 5.66 5.99 -8.61
CA LYS A 109 5.02 6.85 -7.62
C LYS A 109 4.97 6.12 -6.29
N LEU A 110 5.13 6.89 -5.21
CA LEU A 110 4.90 6.43 -3.84
C LEU A 110 3.82 7.28 -3.19
N TYR A 111 2.82 6.63 -2.61
CA TYR A 111 1.80 7.32 -1.82
C TYR A 111 2.01 6.89 -0.38
N LEU A 112 2.55 7.79 0.45
CA LEU A 112 2.97 7.43 1.80
C LEU A 112 2.19 8.21 2.83
N THR A 113 1.67 7.48 3.80
CA THR A 113 1.16 8.04 5.03
C THR A 113 2.20 7.83 6.12
N HIS A 114 2.55 8.89 6.83
CA HIS A 114 3.42 8.77 7.99
C HIS A 114 2.61 9.03 9.25
N ILE A 115 2.63 8.07 10.17
CA ILE A 115 1.81 8.10 11.38
C ILE A 115 2.71 8.32 12.59
N ASP A 116 2.35 9.28 13.42
CA ASP A 116 3.15 9.61 14.61
C ASP A 116 2.75 8.70 15.77
N ALA A 117 3.06 7.40 15.60
CA ALA A 117 2.78 6.40 16.62
C ALA A 117 3.86 5.32 16.65
N GLU A 118 4.25 4.91 17.86
CA GLU A 118 5.16 3.79 18.05
C GLU A 118 4.38 2.48 18.08
N VAL A 119 4.77 1.55 17.23
CA VAL A 119 4.13 0.23 17.20
C VAL A 119 5.20 -0.83 16.96
N GLU A 120 5.11 -1.92 17.72
CA GLU A 120 6.00 -3.04 17.50
C GLU A 120 5.60 -3.76 16.22
N GLY A 121 6.59 -4.08 15.39
CA GLY A 121 6.31 -4.80 14.16
C GLY A 121 7.56 -5.47 13.62
N ASP A 122 7.36 -6.60 12.94
CA ASP A 122 8.42 -7.34 12.27
C ASP A 122 8.59 -6.96 10.81
N THR A 123 7.71 -6.12 10.27
CA THR A 123 7.73 -5.80 8.85
C THR A 123 7.77 -4.29 8.65
N HIS A 124 8.53 -3.87 7.64
CA HIS A 124 8.79 -2.46 7.39
C HIS A 124 8.66 -2.15 5.91
N PHE A 125 8.28 -0.91 5.63
CA PHE A 125 8.45 -0.38 4.28
C PHE A 125 9.93 -0.29 3.94
N PRO A 126 10.31 -0.58 2.70
CA PRO A 126 11.74 -0.55 2.38
C PRO A 126 12.34 0.83 2.50
N ASP A 127 13.64 0.88 2.78
CA ASP A 127 14.34 2.15 2.78
C ASP A 127 14.44 2.70 1.37
N TYR A 128 14.20 3.99 1.24
CA TYR A 128 14.38 4.68 -0.01
C TYR A 128 15.06 6.00 0.31
N GLU A 129 15.77 6.54 -0.68
CA GLU A 129 16.49 7.78 -0.49
C GLU A 129 15.66 8.93 -1.03
N PRO A 130 15.22 9.88 -0.21
CA PRO A 130 14.44 11.01 -0.74
C PRO A 130 15.09 11.66 -1.95
N ASP A 131 16.39 11.42 -2.14
CA ASP A 131 17.13 12.03 -3.24
C ASP A 131 16.55 11.62 -4.60
N ASP A 132 16.11 10.38 -4.73
CA ASP A 132 15.65 9.87 -6.03
C ASP A 132 14.19 10.20 -6.33
N TRP A 133 13.52 10.95 -5.45
CA TRP A 133 12.08 11.15 -5.54
C TRP A 133 11.77 12.63 -5.39
N GLU A 134 10.80 13.11 -6.16
CA GLU A 134 10.30 14.47 -6.03
C GLU A 134 8.97 14.45 -5.27
N SER A 135 8.88 15.25 -4.22
CA SER A 135 7.61 15.41 -3.53
C SER A 135 6.70 16.27 -4.38
N VAL A 136 5.57 15.71 -4.81
CA VAL A 136 4.59 16.46 -5.59
C VAL A 136 3.35 16.82 -4.80
N PHE A 137 3.17 16.26 -3.60
CA PHE A 137 2.04 16.54 -2.72
C PHE A 137 2.47 16.22 -1.30
N SER A 138 2.16 17.13 -0.37
CA SER A 138 2.48 16.88 1.03
C SER A 138 1.53 17.67 1.90
N GLU A 139 0.99 17.03 2.93
CA GLU A 139 0.10 17.70 3.88
C GLU A 139 0.19 17.03 5.24
N PHE A 140 0.61 17.81 6.25
CA PHE A 140 0.56 17.39 7.64
C PHE A 140 -0.82 17.62 8.23
N HIS A 141 -1.22 16.73 9.12
CA HIS A 141 -2.51 16.79 9.80
C HIS A 141 -2.33 16.51 11.29
N ASP A 142 -2.99 17.31 12.12
CA ASP A 142 -3.05 17.08 13.56
C ASP A 142 -4.00 15.95 13.92
N ALA A 143 -3.81 15.41 15.12
CA ALA A 143 -4.83 14.54 15.67
C ALA A 143 -6.11 15.34 15.85
N ASP A 144 -7.24 14.64 15.75
CA ASP A 144 -8.53 15.29 15.97
C ASP A 144 -9.47 14.26 16.59
N ALA A 145 -10.77 14.61 16.67
CA ALA A 145 -11.71 13.70 17.32
C ALA A 145 -11.88 12.38 16.56
N GLN A 146 -11.53 12.33 15.27
CA GLN A 146 -11.63 11.09 14.51
C GLN A 146 -10.32 10.31 14.40
N ASN A 147 -9.18 10.98 14.54
CA ASN A 147 -7.86 10.43 14.28
C ASN A 147 -7.00 10.67 15.50
N SER A 148 -6.65 9.60 16.21
CA SER A 148 -6.07 9.75 17.54
C SER A 148 -4.58 10.04 17.49
N HIS A 149 -3.96 9.95 16.31
CA HIS A 149 -2.57 10.32 16.11
C HIS A 149 -2.45 11.34 14.98
N SER A 150 -1.43 12.18 15.05
CA SER A 150 -1.10 13.02 13.92
C SER A 150 -0.47 12.18 12.83
N TYR A 151 -0.58 12.70 11.61
CA TYR A 151 -0.16 11.95 10.44
C TYR A 151 0.08 12.95 9.32
N CYS A 152 0.73 12.46 8.26
N CYS A 152 0.77 12.50 8.28
CA CYS A 152 1.07 13.26 7.10
CA CYS A 152 0.94 13.31 7.10
C CYS A 152 0.92 12.40 5.86
C CYS A 152 0.92 12.43 5.87
N PHE A 153 0.43 12.99 4.77
CA PHE A 153 0.34 12.32 3.48
C PHE A 153 1.35 12.96 2.52
N GLU A 154 2.03 12.13 1.74
CA GLU A 154 2.89 12.65 0.68
C GLU A 154 2.77 11.76 -0.54
N ILE A 155 2.92 12.36 -1.72
CA ILE A 155 3.05 11.62 -2.96
C ILE A 155 4.39 11.98 -3.55
N LEU A 156 5.18 10.96 -3.85
CA LEU A 156 6.53 11.11 -4.37
C LEU A 156 6.56 10.52 -5.77
N GLU A 157 7.22 11.23 -6.69
CA GLU A 157 7.34 10.82 -8.07
C GLU A 157 8.81 10.58 -8.38
N ARG A 158 9.10 9.49 -9.08
CA ARG A 158 10.49 9.14 -9.36
C ARG A 158 11.12 10.18 -10.29
N ARG A 159 12.32 10.67 -9.95
CA ARG A 159 13.00 11.59 -10.87
C ARG A 159 13.81 10.80 -11.88
C1 8CV B . -6.36 -0.05 4.91
C2 8CV B . -5.63 1.27 5.01
C3 8CV B . -6.22 -1.01 5.90
C4 8CV B . -7.17 -0.32 3.82
C5 8CV B . -4.21 1.10 4.49
C6 8CV B . -6.90 -2.23 5.79
C7 8CV B . -7.85 -1.53 3.71
N1 8CV B . -3.44 2.36 4.37
C8 8CV B . -7.71 -2.49 4.70
C9 8CV B . -2.55 2.69 3.44
N2 8CV B . -1.98 1.88 2.56
N3 8CV B . -2.22 3.99 3.36
C10 8CV B . -1.62 0.62 2.72
N4 8CV B . -1.41 0.03 3.90
N5 8CV B . -1.43 -0.12 1.63
NA NA C . -4.55 10.17 -9.01
PA NAP D . 3.13 -9.86 2.29
O1A NAP D . 4.20 -9.17 1.44
O2A NAP D . 1.70 -9.36 2.45
O5B NAP D . 2.94 -11.35 1.76
C5B NAP D . 4.09 -12.11 1.40
C4B NAP D . 3.66 -13.39 0.69
O4B NAP D . 3.30 -13.04 -0.67
C3B NAP D . 4.73 -14.46 0.52
O3B NAP D . 4.87 -15.29 1.68
C2B NAP D . 4.21 -15.22 -0.69
O2B NAP D . 3.05 -15.99 -0.38
C1B NAP D . 3.75 -14.05 -1.55
N9A NAP D . 4.76 -13.53 -2.46
C8A NAP D . 5.56 -12.42 -2.31
N7A NAP D . 6.36 -12.21 -3.33
C5A NAP D . 6.09 -13.24 -4.19
C6A NAP D . 6.61 -13.60 -5.46
N6A NAP D . 7.56 -12.90 -6.10
N1A NAP D . 6.11 -14.70 -6.05
C2A NAP D . 5.16 -15.39 -5.43
N3A NAP D . 4.59 -15.17 -4.25
C4A NAP D . 5.10 -14.06 -3.68
O3 NAP D . 3.74 -10.19 3.73
PN NAP D . 4.80 -9.37 4.61
O1N NAP D . 6.18 -9.56 3.99
O2N NAP D . 4.21 -7.96 4.77
O5D NAP D . 4.71 -10.16 6.01
C5D NAP D . 3.72 -9.54 6.79
C4D NAP D . 3.31 -10.36 7.99
O4D NAP D . 3.05 -11.72 7.56
C3D NAP D . 4.37 -10.51 9.07
O3D NAP D . 4.40 -9.37 9.92
C2D NAP D . 3.82 -11.74 9.79
O2D NAP D . 2.73 -11.36 10.63
C1D NAP D . 3.35 -12.59 8.61
N1N NAP D . 4.39 -13.51 8.15
C2N NAP D . 4.59 -14.61 8.85
C3N NAP D . 5.57 -15.52 8.48
C7N NAP D . 5.75 -16.73 9.29
O7N NAP D . 6.60 -17.55 9.00
N7N NAP D . 4.96 -16.91 10.38
C4N NAP D . 6.34 -15.26 7.33
C5N NAP D . 6.09 -14.10 6.62
C6N NAP D . 5.10 -13.24 7.07
P2B NAP D . 3.16 -17.55 -0.05
O1X NAP D . 3.76 -17.68 1.32
O2X NAP D . 1.72 -18.04 -0.08
O3X NAP D . 4.04 -18.14 -1.12
C1 BME E . 6.55 14.89 4.85
C1 BME E . 6.65 14.07 5.46
C2 BME E . 5.77 13.60 5.04
C2 BME E . 5.43 14.39 4.61
O1 BME E . 7.59 14.95 5.80
O1 BME E . 7.46 15.20 5.59
S2 BME E . 4.04 13.80 4.55
S2 BME E . 4.08 13.21 4.93
C1 EDO F . -11.27 -8.93 -7.66
O1 EDO F . -12.60 -9.30 -7.26
C2 EDO F . -10.97 -9.50 -9.03
O2 EDO F . -9.65 -10.07 -9.14
#